data_2AOT
#
_entry.id   2AOT
#
_cell.length_a   131.67
_cell.length_b   131.67
_cell.length_c   63.75
_cell.angle_alpha   90.00
_cell.angle_beta   90.00
_cell.angle_gamma   120.00
#
_symmetry.space_group_name_H-M   'P 6'
#
loop_
_entity.id
_entity.type
_entity.pdbx_description
1 polymer 'Histamine N-methyltransferase'
2 polymer 'Histamine N-methyltransferase'
3 non-polymer N-[2-(BENZHYDRYLOXY)ETHYL]-N,N-DIMETHYLAMINE
4 non-polymer S-ADENOSYL-L-HOMOCYSTEINE
5 water water
#
loop_
_entity_poly.entity_id
_entity_poly.type
_entity_poly.pdbx_seq_one_letter_code
_entity_poly.pdbx_strand_id
1 'polypeptide(L)'
;MASSMRSLFSDHGKYVESFRRFLNHSTEHQCMQEFMDKKLPGIIGRIGDTKSEIKILSIGGGAGEIDLQILSKVQAQYPG
VCINNEVVEPSAEQIAKYKELVAKTSNLENVKFAWHKETSSEYQSRMLEKKELQKWDFIHMIQMLYYVKDIPATLKFFHS
LLGTNAKMLIIVVSGSSGWDKLWKKYGSRFPQDDLCQYITSDDLTQMLDNLGLKYE(CSO)YDLLSTMDISDCFIDGNEN
GDLLWDFLTET(CSO)NFNATAPPDLRAELGKDLQEPEFSAKKEGKVLFNNTLSFIVIEA
;
A
2 'polypeptide(L)'
;MASSMRSLFSDHGKYVESFRRFLNHSTEHQCMQEFMDKKLPGIIGRIGDTKSEIKILSIGGGAGEIDLQILSKVQAQYPG
V(CSO)INNEVVEPSAEQIAKYKELVAKTSNLENVKFAWHKETSSEYQSRMLEKKELQKWDFIHMIQMLYYVKDIPATLK
FFHSLLGTNAKMLIIVVSGSSGWDKLWKKYGSRFPQDDLCQYITSDDLTQMLDNLGLKYECYDLLSTMDISDCFIDGNEN
GDLLWDFLTET(CSO)NFNATAPPDLRAELGKDLQEPEFSAKKEGKVLFNNTLSFIVIEA
;
B
#
loop_
_chem_comp.id
_chem_comp.type
_chem_comp.name
_chem_comp.formula
2PM non-polymer N-[2-(BENZHYDRYLOXY)ETHYL]-N,N-DIMETHYLAMINE 'C17 H21 N O'
SAH non-polymer S-ADENOSYL-L-HOMOCYSTEINE 'C14 H20 N6 O5 S'
#
# COMPACT_ATOMS: atom_id res chain seq x y z
N MET A 5 -3.74 33.05 4.98
CA MET A 5 -4.21 32.13 6.06
C MET A 5 -3.08 31.80 7.02
N ARG A 6 -3.41 31.64 8.30
CA ARG A 6 -2.41 31.32 9.32
C ARG A 6 -2.54 29.87 9.79
N SER A 7 -1.43 29.14 9.77
CA SER A 7 -1.42 27.75 10.20
C SER A 7 -1.77 27.65 11.67
N LEU A 8 -2.60 26.67 12.01
CA LEU A 8 -3.03 26.46 13.39
C LEU A 8 -1.84 26.33 14.34
N PHE A 9 -0.67 25.98 13.81
CA PHE A 9 0.54 25.83 14.62
C PHE A 9 1.08 27.14 15.17
N SER A 10 0.81 28.24 14.48
CA SER A 10 1.29 29.55 14.93
C SER A 10 0.31 30.21 15.89
N ASP A 11 -0.30 29.39 16.74
CA ASP A 11 -1.26 29.87 17.73
C ASP A 11 -1.51 28.72 18.69
N HIS A 12 -0.59 28.57 19.65
CA HIS A 12 -0.68 27.52 20.65
C HIS A 12 -2.07 27.41 21.28
N GLY A 13 -2.58 28.53 21.78
CA GLY A 13 -3.89 28.53 22.40
C GLY A 13 -4.93 27.91 21.50
N LYS A 14 -4.84 28.22 20.21
CA LYS A 14 -5.77 27.68 19.23
C LYS A 14 -5.54 26.20 19.01
N TYR A 15 -4.30 25.84 18.66
CA TYR A 15 -3.93 24.47 18.42
C TYR A 15 -4.41 23.57 19.55
N VAL A 16 -4.14 23.99 20.79
CA VAL A 16 -4.54 23.24 21.97
C VAL A 16 -6.05 23.04 22.06
N GLU A 17 -6.80 24.09 21.79
CA GLU A 17 -8.25 24.00 21.85
C GLU A 17 -8.77 23.11 20.72
N SER A 18 -8.14 23.23 19.55
CA SER A 18 -8.52 22.44 18.39
C SER A 18 -8.21 20.97 18.65
N PHE A 19 -6.98 20.69 19.06
CA PHE A 19 -6.56 19.32 19.35
C PHE A 19 -7.46 18.67 20.39
N ARG A 20 -7.65 19.36 21.50
CA ARG A 20 -8.50 18.85 22.59
C ARG A 20 -9.82 18.38 22.00
N ARG A 21 -10.36 19.16 21.08
CA ARG A 21 -11.62 18.81 20.43
C ARG A 21 -11.45 17.48 19.71
N PHE A 22 -10.33 17.35 19.00
CA PHE A 22 -10.03 16.13 18.26
C PHE A 22 -10.10 14.89 19.14
N LEU A 23 -9.23 14.81 20.14
CA LEU A 23 -9.22 13.65 21.03
C LEU A 23 -10.61 13.34 21.58
N ASN A 24 -11.37 14.39 21.87
CA ASN A 24 -12.71 14.21 22.40
C ASN A 24 -13.77 14.06 21.33
N HIS A 25 -13.34 14.00 20.07
CA HIS A 25 -14.27 13.86 18.94
C HIS A 25 -13.77 12.82 17.93
N SER A 26 -13.19 11.74 18.44
CA SER A 26 -12.68 10.66 17.59
C SER A 26 -12.25 9.49 18.49
N THR A 27 -11.80 8.40 17.86
CA THR A 27 -11.37 7.23 18.61
C THR A 27 -9.85 7.08 18.65
N GLU A 28 -9.14 8.17 18.42
CA GLU A 28 -7.68 8.18 18.42
C GLU A 28 -7.13 7.37 19.60
N HIS A 29 -7.31 7.88 20.82
CA HIS A 29 -6.78 7.15 21.98
C HIS A 29 -7.42 5.78 22.22
N GLN A 30 -8.69 5.62 21.90
CA GLN A 30 -9.33 4.31 22.10
C GLN A 30 -8.66 3.34 21.12
N CYS A 31 -8.53 3.77 19.87
CA CYS A 31 -7.89 2.95 18.85
C CYS A 31 -6.56 2.48 19.38
N MET A 32 -5.80 3.39 19.97
CA MET A 32 -4.51 3.03 20.53
C MET A 32 -4.66 2.14 21.75
N GLN A 33 -5.69 2.41 22.55
CA GLN A 33 -5.92 1.59 23.73
C GLN A 33 -6.23 0.16 23.29
N GLU A 34 -6.84 0.04 22.12
CA GLU A 34 -7.17 -1.28 21.58
C GLU A 34 -5.88 -1.99 21.16
N PHE A 35 -4.97 -1.23 20.56
CA PHE A 35 -3.70 -1.81 20.12
C PHE A 35 -2.88 -2.24 21.34
N MET A 36 -2.86 -1.40 22.37
N MET A 36 -2.86 -1.40 22.37
CA MET A 36 -2.11 -1.70 23.58
CA MET A 36 -2.09 -1.71 23.57
C MET A 36 -2.69 -2.90 24.31
C MET A 36 -2.68 -2.92 24.28
N ASP A 37 -4.01 -3.04 24.25
CA ASP A 37 -4.70 -4.15 24.90
C ASP A 37 -4.56 -5.48 24.15
N LYS A 38 -4.82 -5.46 22.85
CA LYS A 38 -4.76 -6.69 22.06
C LYS A 38 -3.44 -6.99 21.35
N LYS A 39 -2.64 -5.98 21.05
CA LYS A 39 -1.39 -6.22 20.34
C LYS A 39 -0.09 -6.04 21.11
N LEU A 40 0.04 -4.94 21.85
CA LEU A 40 1.28 -4.67 22.59
C LEU A 40 1.86 -5.81 23.42
N PRO A 41 1.02 -6.52 24.20
CA PRO A 41 1.54 -7.61 25.03
C PRO A 41 2.44 -8.58 24.27
N GLY A 42 2.01 -8.99 23.08
CA GLY A 42 2.83 -9.90 22.30
C GLY A 42 4.08 -9.23 21.76
N ILE A 43 3.96 -7.93 21.48
CA ILE A 43 5.07 -7.14 20.94
C ILE A 43 6.21 -6.92 21.94
N ILE A 44 5.86 -6.53 23.17
CA ILE A 44 6.86 -6.29 24.21
C ILE A 44 6.95 -7.41 25.24
N GLY A 45 6.46 -8.58 24.87
CA GLY A 45 6.47 -9.72 25.77
C GLY A 45 7.81 -10.34 26.11
N ARG A 46 8.84 -10.05 25.31
CA ARG A 46 10.16 -10.61 25.56
C ARG A 46 11.28 -9.58 25.61
N ILE A 47 10.92 -8.30 25.62
CA ILE A 47 11.94 -7.25 25.64
C ILE A 47 12.70 -7.16 26.96
N GLY A 48 12.10 -7.68 28.03
CA GLY A 48 12.74 -7.66 29.33
C GLY A 48 13.50 -8.93 29.71
N ASP A 49 13.49 -9.93 28.85
CA ASP A 49 14.18 -11.19 29.15
C ASP A 49 15.69 -11.04 29.40
N THR A 50 16.15 -11.65 30.49
CA THR A 50 17.55 -11.64 30.91
C THR A 50 18.01 -10.30 31.48
N LYS A 51 17.10 -9.34 31.61
CA LYS A 51 17.48 -8.02 32.11
C LYS A 51 16.95 -7.71 33.51
N SER A 52 17.70 -6.90 34.26
CA SER A 52 17.28 -6.52 35.60
C SER A 52 16.71 -5.11 35.56
N GLU A 53 16.67 -4.56 34.34
CA GLU A 53 16.13 -3.23 34.13
C GLU A 53 15.61 -3.18 32.70
N ILE A 54 14.43 -2.60 32.53
CA ILE A 54 13.82 -2.46 31.23
C ILE A 54 13.88 -0.97 30.89
N LYS A 55 14.62 -0.63 29.84
CA LYS A 55 14.80 0.76 29.42
C LYS A 55 13.84 1.12 28.27
N ILE A 56 12.99 2.13 28.51
CA ILE A 56 12.01 2.56 27.52
C ILE A 56 12.27 4.01 27.16
N LEU A 57 12.42 4.27 25.86
CA LEU A 57 12.69 5.61 25.36
C LEU A 57 11.48 6.11 24.61
N SER A 58 10.85 7.12 25.18
CA SER A 58 9.66 7.72 24.61
C SER A 58 10.05 8.99 23.83
N ILE A 59 9.85 8.98 22.51
CA ILE A 59 10.18 10.16 21.72
C ILE A 59 8.86 10.88 21.44
N GLY A 60 8.78 12.17 21.77
CA GLY A 60 7.54 12.91 21.56
C GLY A 60 6.43 12.43 22.48
N GLY A 61 6.82 12.00 23.68
CA GLY A 61 5.85 11.48 24.65
C GLY A 61 4.72 12.41 25.05
N GLY A 62 4.88 13.71 24.81
CA GLY A 62 3.81 14.62 25.13
C GLY A 62 3.42 14.68 26.60
N ALA A 63 2.11 14.55 26.87
CA ALA A 63 1.57 14.62 28.23
C ALA A 63 1.59 13.32 29.01
N GLY A 64 2.07 12.24 28.38
CA GLY A 64 2.18 10.97 29.07
C GLY A 64 1.04 9.98 29.07
N GLU A 65 -0.13 10.36 28.56
CA GLU A 65 -1.28 9.46 28.55
C GLU A 65 -0.96 8.07 27.98
N ILE A 66 -0.53 8.06 26.71
CA ILE A 66 -0.22 6.81 26.04
C ILE A 66 0.99 6.11 26.67
N ASP A 67 1.98 6.90 27.08
CA ASP A 67 3.18 6.36 27.71
C ASP A 67 2.86 5.49 28.92
N LEU A 68 1.92 5.94 29.75
CA LEU A 68 1.56 5.17 30.94
C LEU A 68 0.82 3.90 30.52
N GLN A 69 -0.01 3.98 29.49
CA GLN A 69 -0.74 2.82 29.00
C GLN A 69 0.32 1.75 28.67
N ILE A 70 1.34 2.16 27.94
CA ILE A 70 2.44 1.27 27.57
C ILE A 70 3.16 0.72 28.80
N LEU A 71 3.43 1.61 29.76
CA LEU A 71 4.11 1.20 30.99
C LEU A 71 3.32 0.10 31.70
N SER A 72 2.00 0.26 31.73
CA SER A 72 1.15 -0.72 32.39
C SER A 72 1.31 -2.13 31.81
N LYS A 73 1.51 -2.23 30.50
CA LYS A 73 1.65 -3.51 29.83
C LYS A 73 3.02 -4.16 30.03
N VAL A 74 4.05 -3.34 30.15
CA VAL A 74 5.39 -3.87 30.35
C VAL A 74 5.48 -4.43 31.77
N GLN A 75 4.90 -3.73 32.74
CA GLN A 75 4.92 -4.15 34.14
C GLN A 75 4.16 -5.46 34.33
N ALA A 76 3.02 -5.55 33.65
CA ALA A 76 2.17 -6.73 33.72
C ALA A 76 2.94 -7.95 33.23
N GLN A 77 3.79 -7.73 32.24
CA GLN A 77 4.58 -8.80 31.67
C GLN A 77 5.84 -9.09 32.53
N TYR A 78 6.32 -8.07 33.23
CA TYR A 78 7.53 -8.22 34.05
C TYR A 78 7.36 -7.68 35.46
N PRO A 79 6.64 -8.40 36.31
CA PRO A 79 6.41 -7.98 37.69
C PRO A 79 7.70 -7.73 38.47
N GLY A 80 7.72 -6.64 39.23
CA GLY A 80 8.87 -6.30 40.05
C GLY A 80 10.14 -5.86 39.33
N VAL A 81 10.13 -5.81 38.00
CA VAL A 81 11.34 -5.41 37.29
C VAL A 81 11.37 -3.89 37.12
N CYS A 82 12.48 -3.27 37.54
CA CYS A 82 12.64 -1.83 37.45
C CYS A 82 12.58 -1.33 36.01
N ILE A 83 11.83 -0.25 35.79
CA ILE A 83 11.72 0.33 34.45
C ILE A 83 12.26 1.76 34.40
N ASN A 84 13.16 2.02 33.46
CA ASN A 84 13.72 3.35 33.29
C ASN A 84 13.01 3.92 32.06
N ASN A 85 12.08 4.83 32.31
CA ASN A 85 11.30 5.43 31.23
C ASN A 85 11.75 6.86 30.97
N GLU A 86 12.62 7.04 29.99
CA GLU A 86 13.08 8.38 29.66
C GLU A 86 12.29 8.96 28.49
N VAL A 87 11.95 10.25 28.61
CA VAL A 87 11.16 10.94 27.61
C VAL A 87 11.88 12.09 26.90
N VAL A 88 11.81 12.11 25.57
CA VAL A 88 12.42 13.18 24.78
C VAL A 88 11.23 14.00 24.29
N GLU A 89 11.08 15.20 24.84
CA GLU A 89 9.95 16.06 24.53
C GLU A 89 10.37 17.54 24.60
N PRO A 90 10.31 18.25 23.46
CA PRO A 90 10.70 19.67 23.39
C PRO A 90 9.82 20.67 24.12
N SER A 91 8.56 20.33 24.35
CA SER A 91 7.64 21.25 25.03
C SER A 91 7.67 21.21 26.56
N ALA A 92 8.08 22.33 27.17
CA ALA A 92 8.12 22.44 28.61
C ALA A 92 6.71 22.22 29.15
N GLU A 93 5.72 22.75 28.44
CA GLU A 93 4.32 22.62 28.84
C GLU A 93 3.89 21.17 28.89
N GLN A 94 4.29 20.39 27.89
CA GLN A 94 3.93 18.97 27.87
C GLN A 94 4.60 18.25 29.04
N ILE A 95 5.89 18.50 29.23
CA ILE A 95 6.63 17.86 30.32
C ILE A 95 5.99 18.07 31.68
N ALA A 96 5.52 19.29 31.94
CA ALA A 96 4.88 19.62 33.21
C ALA A 96 3.61 18.81 33.42
N LYS A 97 2.80 18.67 32.37
CA LYS A 97 1.57 17.90 32.48
C LYS A 97 1.89 16.41 32.68
N TYR A 98 2.97 15.96 32.05
CA TYR A 98 3.41 14.57 32.15
C TYR A 98 3.76 14.26 33.61
N LYS A 99 4.63 15.08 34.19
CA LYS A 99 5.02 14.89 35.60
C LYS A 99 3.81 14.91 36.50
N GLU A 100 2.85 15.77 36.19
CA GLU A 100 1.64 15.89 37.00
C GLU A 100 0.81 14.61 36.97
N LEU A 101 0.75 13.99 35.79
CA LEU A 101 -0.01 12.76 35.61
C LEU A 101 0.66 11.64 36.39
N VAL A 102 1.99 11.61 36.35
CA VAL A 102 2.76 10.61 37.05
C VAL A 102 2.49 10.65 38.55
N ALA A 103 2.48 11.85 39.12
CA ALA A 103 2.23 12.00 40.56
C ALA A 103 0.83 11.56 40.93
N LYS A 104 -0.13 11.86 40.06
CA LYS A 104 -1.53 11.52 40.31
C LYS A 104 -1.89 10.08 39.93
N THR A 105 -0.91 9.27 39.59
CA THR A 105 -1.17 7.88 39.20
C THR A 105 -0.51 6.88 40.13
N SER A 106 -1.26 5.85 40.51
CA SER A 106 -0.75 4.82 41.41
C SER A 106 -0.14 3.66 40.62
N ASN A 107 0.51 2.76 41.34
CA ASN A 107 1.13 1.58 40.75
C ASN A 107 2.30 1.90 39.81
N LEU A 108 2.99 3.00 40.07
CA LEU A 108 4.15 3.39 39.25
C LEU A 108 5.38 3.51 40.12
N GLU A 109 5.35 2.82 41.26
CA GLU A 109 6.45 2.85 42.20
C GLU A 109 7.73 2.25 41.64
N ASN A 110 7.59 1.26 40.75
CA ASN A 110 8.74 0.58 40.16
C ASN A 110 9.30 1.25 38.90
N VAL A 111 8.78 2.42 38.56
CA VAL A 111 9.23 3.12 37.36
C VAL A 111 9.98 4.40 37.65
N LYS A 112 11.15 4.55 37.03
CA LYS A 112 11.99 5.72 37.16
C LYS A 112 11.75 6.59 35.93
N PHE A 113 11.40 7.86 36.13
CA PHE A 113 11.16 8.77 35.00
C PHE A 113 12.29 9.79 34.83
N ALA A 114 12.45 10.25 33.60
CA ALA A 114 13.47 11.24 33.26
C ALA A 114 13.02 11.96 32.01
N TRP A 115 12.95 13.29 32.07
CA TRP A 115 12.50 14.08 30.93
C TRP A 115 13.60 14.95 30.34
N HIS A 116 13.74 14.88 29.02
CA HIS A 116 14.73 15.64 28.29
C HIS A 116 14.00 16.64 27.41
N LYS A 117 14.07 17.92 27.76
CA LYS A 117 13.38 18.94 26.98
C LYS A 117 14.21 19.32 25.76
N GLU A 118 14.04 18.53 24.70
CA GLU A 118 14.77 18.75 23.46
C GLU A 118 14.05 17.96 22.38
N THR A 119 14.47 18.14 21.13
CA THR A 119 13.83 17.40 20.04
C THR A 119 14.58 16.08 19.87
N SER A 120 14.04 15.19 19.04
CA SER A 120 14.70 13.92 18.83
C SER A 120 16.06 14.10 18.14
N SER A 121 16.19 15.10 17.27
CA SER A 121 17.46 15.32 16.59
C SER A 121 18.51 15.92 17.54
N GLU A 122 18.04 16.73 18.49
CA GLU A 122 18.94 17.36 19.46
C GLU A 122 19.41 16.28 20.44
N TYR A 123 18.50 15.36 20.75
CA TYR A 123 18.84 14.26 21.62
C TYR A 123 19.88 13.41 20.89
N GLN A 124 19.67 13.17 19.60
CA GLN A 124 20.60 12.36 18.81
C GLN A 124 22.01 12.95 18.79
N SER A 125 22.10 14.24 18.48
CA SER A 125 23.40 14.89 18.44
C SER A 125 24.04 14.85 19.81
N ARG A 126 23.25 15.14 20.84
CA ARG A 126 23.78 15.13 22.20
C ARG A 126 24.34 13.74 22.57
N MET A 127 23.78 12.69 21.98
CA MET A 127 24.22 11.32 22.23
C MET A 127 25.44 10.93 21.41
N LEU A 128 25.47 11.33 20.14
CA LEU A 128 26.57 11.00 19.25
C LEU A 128 27.95 11.44 19.76
N GLU A 129 28.00 12.59 20.44
CA GLU A 129 29.28 13.06 20.94
C GLU A 129 29.59 12.50 22.33
N LYS A 130 28.85 11.47 22.68
CA LYS A 130 29.08 10.83 23.96
C LYS A 130 29.96 9.63 23.70
N LYS A 131 30.18 9.36 22.41
CA LYS A 131 31.04 8.27 21.96
C LYS A 131 30.89 7.02 22.79
N GLU A 132 29.65 6.83 23.19
CA GLU A 132 29.13 5.71 23.96
C GLU A 132 27.65 5.65 23.62
N LEU A 133 27.30 4.74 22.72
CA LEU A 133 25.91 4.55 22.32
C LEU A 133 25.25 3.64 23.34
N GLN A 134 24.23 4.16 24.03
CA GLN A 134 23.53 3.38 25.04
C GLN A 134 22.48 2.53 24.32
N LYS A 135 21.98 1.49 24.99
CA LYS A 135 20.98 0.62 24.41
C LYS A 135 19.64 0.72 25.14
N TRP A 136 18.55 0.53 24.40
CA TRP A 136 17.21 0.57 24.94
C TRP A 136 16.44 -0.69 24.54
N ASP A 137 15.46 -1.06 25.35
CA ASP A 137 14.66 -2.25 25.11
C ASP A 137 13.37 -2.01 24.34
N PHE A 138 12.87 -0.79 24.43
CA PHE A 138 11.66 -0.41 23.72
C PHE A 138 11.74 1.09 23.47
N ILE A 139 11.61 1.46 22.19
CA ILE A 139 11.64 2.85 21.77
C ILE A 139 10.35 3.09 21.02
N HIS A 140 9.64 4.17 21.33
CA HIS A 140 8.43 4.44 20.58
C HIS A 140 8.33 5.89 20.13
N MET A 141 7.76 6.08 18.95
CA MET A 141 7.57 7.39 18.33
C MET A 141 6.12 7.44 17.88
N ILE A 142 5.26 7.88 18.80
CA ILE A 142 3.83 7.90 18.55
C ILE A 142 3.29 9.27 18.11
N GLN A 143 2.76 9.29 16.87
CA GLN A 143 2.17 10.48 16.26
C GLN A 143 3.04 11.72 16.37
N MET A 144 4.34 11.59 16.11
CA MET A 144 5.25 12.72 16.19
C MET A 144 6.27 12.86 15.05
N LEU A 145 6.37 11.87 14.15
CA LEU A 145 7.35 11.98 13.07
C LEU A 145 7.03 13.12 12.11
N TYR A 146 5.80 13.63 12.18
CA TYR A 146 5.40 14.76 11.34
C TYR A 146 6.28 15.95 11.65
N TYR A 147 6.75 16.01 12.89
CA TYR A 147 7.57 17.14 13.41
C TYR A 147 9.05 16.91 13.33
N VAL A 148 9.48 15.87 12.62
CA VAL A 148 10.90 15.56 12.50
C VAL A 148 11.36 15.87 11.08
N LYS A 149 12.45 16.63 10.97
CA LYS A 149 12.97 17.00 9.67
C LYS A 149 13.57 15.85 8.88
N ASP A 150 14.52 15.14 9.48
CA ASP A 150 15.18 14.04 8.80
C ASP A 150 14.69 12.68 9.30
N ILE A 151 13.65 12.16 8.67
CA ILE A 151 13.08 10.90 9.09
C ILE A 151 13.97 9.67 8.89
N PRO A 152 14.56 9.49 7.70
CA PRO A 152 15.42 8.31 7.53
C PRO A 152 16.57 8.27 8.53
N ALA A 153 17.17 9.42 8.82
CA ALA A 153 18.27 9.48 9.79
C ALA A 153 17.76 9.14 11.19
N THR A 154 16.55 9.60 11.49
CA THR A 154 15.95 9.34 12.79
C THR A 154 15.68 7.84 12.98
N LEU A 155 15.13 7.21 11.95
CA LEU A 155 14.83 5.77 12.01
C LEU A 155 16.11 4.95 12.19
N LYS A 156 17.12 5.24 11.37
CA LYS A 156 18.37 4.48 11.48
C LYS A 156 19.05 4.70 12.82
N PHE A 157 19.03 5.93 13.31
CA PHE A 157 19.69 6.21 14.58
C PHE A 157 19.03 5.53 15.76
N PHE A 158 17.73 5.68 15.91
CA PHE A 158 17.11 5.03 17.04
C PHE A 158 17.10 3.51 16.90
N HIS A 159 17.09 3.01 15.67
CA HIS A 159 17.13 1.56 15.52
C HIS A 159 18.50 1.08 16.00
N SER A 160 19.53 1.91 15.82
CA SER A 160 20.87 1.52 16.24
C SER A 160 20.98 1.51 17.76
N LEU A 161 19.99 2.09 18.46
CA LEU A 161 20.01 2.12 19.92
C LEU A 161 19.25 0.96 20.54
N LEU A 162 18.67 0.10 19.70
CA LEU A 162 17.90 -1.04 20.19
C LEU A 162 18.81 -2.18 20.67
N GLY A 163 18.54 -2.69 21.87
CA GLY A 163 19.33 -3.78 22.42
C GLY A 163 18.82 -5.14 21.99
N THR A 164 19.30 -6.19 22.65
CA THR A 164 18.88 -7.55 22.34
C THR A 164 17.39 -7.74 22.56
N ASN A 165 16.72 -8.30 21.55
CA ASN A 165 15.28 -8.56 21.59
C ASN A 165 14.45 -7.27 21.72
N ALA A 166 15.07 -6.13 21.50
CA ALA A 166 14.36 -4.85 21.64
C ALA A 166 13.49 -4.59 20.42
N LYS A 167 12.52 -3.70 20.57
CA LYS A 167 11.61 -3.33 19.47
C LYS A 167 11.35 -1.83 19.45
N MET A 168 11.01 -1.31 18.28
CA MET A 168 10.72 0.11 18.13
C MET A 168 9.34 0.22 17.51
N LEU A 169 8.49 1.00 18.13
CA LEU A 169 7.13 1.19 17.65
C LEU A 169 6.92 2.61 17.14
N ILE A 170 6.38 2.72 15.94
CA ILE A 170 6.09 4.00 15.34
C ILE A 170 4.62 4.03 14.95
N ILE A 171 3.96 5.14 15.24
CA ILE A 171 2.55 5.30 14.88
C ILE A 171 2.35 6.61 14.13
N VAL A 172 1.69 6.51 12.97
CA VAL A 172 1.35 7.67 12.13
C VAL A 172 0.05 7.31 11.42
N VAL A 173 -0.56 8.27 10.72
CA VAL A 173 -1.80 7.95 10.04
C VAL A 173 -1.48 7.02 8.87
N SER A 174 -2.44 6.18 8.51
CA SER A 174 -2.24 5.22 7.41
C SER A 174 -2.37 5.87 6.05
N GLY A 175 -1.69 5.27 5.06
CA GLY A 175 -1.79 5.79 3.71
C GLY A 175 -3.22 5.62 3.21
N SER A 176 -3.99 4.76 3.87
CA SER A 176 -5.37 4.53 3.46
C SER A 176 -6.35 5.45 4.21
N SER A 177 -5.82 6.32 5.05
CA SER A 177 -6.67 7.24 5.82
C SER A 177 -7.22 8.42 5.03
N GLY A 178 -8.19 9.09 5.64
CA GLY A 178 -8.79 10.25 5.01
C GLY A 178 -7.77 11.36 4.96
N TRP A 179 -6.89 11.40 5.96
CA TRP A 179 -5.83 12.40 6.00
C TRP A 179 -4.98 12.32 4.75
N ASP A 180 -4.70 11.09 4.31
CA ASP A 180 -3.88 10.90 3.11
C ASP A 180 -4.55 11.50 1.88
N LYS A 181 -5.85 11.27 1.73
CA LYS A 181 -6.58 11.81 0.59
C LYS A 181 -6.68 13.33 0.74
N LEU A 182 -6.85 13.78 1.98
CA LEU A 182 -6.94 15.21 2.27
C LEU A 182 -5.67 15.95 1.90
N TRP A 183 -4.53 15.47 2.40
CA TRP A 183 -3.27 16.13 2.11
C TRP A 183 -2.90 16.07 0.65
N LYS A 184 -3.21 14.97 -0.02
CA LYS A 184 -2.90 14.85 -1.44
C LYS A 184 -3.65 15.90 -2.26
N LYS A 185 -4.96 15.99 -2.03
CA LYS A 185 -5.82 16.91 -2.77
C LYS A 185 -5.84 18.38 -2.32
N TYR A 186 -5.84 18.62 -1.01
CA TYR A 186 -5.88 19.99 -0.49
C TYR A 186 -4.62 20.46 0.22
N GLY A 187 -3.63 19.58 0.32
CA GLY A 187 -2.39 19.94 0.99
C GLY A 187 -1.78 21.26 0.57
N SER A 188 -1.62 21.45 -0.74
CA SER A 188 -1.02 22.67 -1.26
C SER A 188 -1.83 23.93 -0.94
N ARG A 189 -3.14 23.77 -0.80
CA ARG A 189 -4.01 24.91 -0.51
C ARG A 189 -3.97 25.30 0.97
N PHE A 190 -3.51 24.39 1.83
CA PHE A 190 -3.42 24.66 3.26
C PHE A 190 -2.14 25.43 3.57
N PRO A 191 -2.10 26.13 4.72
CA PRO A 191 -0.93 26.91 5.13
C PRO A 191 0.26 25.97 5.31
N GLN A 192 1.47 26.50 5.21
CA GLN A 192 2.66 25.67 5.35
C GLN A 192 3.73 26.20 6.30
N ASP A 193 3.95 25.51 7.40
CA ASP A 193 4.96 25.88 8.39
C ASP A 193 6.06 24.83 8.31
N ASP A 194 7.31 25.29 8.34
CA ASP A 194 8.43 24.36 8.27
C ASP A 194 8.56 23.57 9.56
N LEU A 195 7.53 23.64 10.39
CA LEU A 195 7.50 22.96 11.68
C LEU A 195 6.88 21.56 11.55
N CYS A 196 6.50 21.19 10.33
CA CYS A 196 5.88 19.89 10.12
C CYS A 196 5.77 19.51 8.65
N GLN A 197 5.69 18.21 8.42
CA GLN A 197 5.56 17.67 7.06
C GLN A 197 4.54 16.53 7.11
N TYR A 198 3.78 16.40 6.03
CA TYR A 198 2.78 15.35 5.94
C TYR A 198 3.50 14.01 5.82
N ILE A 199 3.10 13.03 6.60
CA ILE A 199 3.70 11.70 6.56
C ILE A 199 2.61 10.66 6.78
N THR A 200 2.65 9.58 6.01
CA THR A 200 1.69 8.48 6.15
C THR A 200 2.51 7.18 6.24
N SER A 201 1.87 6.06 6.54
CA SER A 201 2.60 4.80 6.66
C SER A 201 3.31 4.48 5.33
N ASP A 202 2.73 4.94 4.22
CA ASP A 202 3.33 4.71 2.89
C ASP A 202 4.75 5.25 2.85
N ASP A 203 4.92 6.47 3.34
CA ASP A 203 6.22 7.12 3.35
C ASP A 203 7.21 6.33 4.21
N LEU A 204 6.76 5.90 5.37
CA LEU A 204 7.61 5.14 6.28
C LEU A 204 8.00 3.75 5.77
N THR A 205 7.05 3.02 5.17
CA THR A 205 7.41 1.69 4.69
C THR A 205 8.41 1.79 3.54
N GLN A 206 8.28 2.82 2.72
CA GLN A 206 9.24 3.00 1.63
C GLN A 206 10.62 3.26 2.22
N MET A 207 10.67 4.15 3.20
CA MET A 207 11.93 4.47 3.85
C MET A 207 12.55 3.26 4.54
N LEU A 208 11.71 2.46 5.19
CA LEU A 208 12.20 1.29 5.90
C LEU A 208 12.72 0.25 4.93
N ASP A 209 11.99 0.02 3.84
CA ASP A 209 12.45 -0.95 2.85
C ASP A 209 13.86 -0.54 2.40
N ASN A 210 14.01 0.73 2.01
CA ASN A 210 15.30 1.24 1.55
C ASN A 210 16.39 1.17 2.64
N LEU A 211 16.01 1.36 3.90
CA LEU A 211 16.98 1.26 4.98
C LEU A 211 17.34 -0.20 5.22
N GLY A 212 16.49 -1.12 4.76
CA GLY A 212 16.77 -2.54 4.95
C GLY A 212 16.45 -3.06 6.33
N LEU A 213 15.62 -2.33 7.07
CA LEU A 213 15.26 -2.75 8.42
C LEU A 213 14.13 -3.77 8.40
N LYS A 214 14.04 -4.60 9.43
CA LYS A 214 12.96 -5.60 9.49
C LYS A 214 11.78 -4.99 10.27
N TYR A 215 10.58 -5.07 9.70
CA TYR A 215 9.42 -4.49 10.36
C TYR A 215 8.10 -5.10 9.91
N GLU A 216 7.05 -4.81 10.68
CA GLU A 216 5.69 -5.24 10.36
C GLU A 216 4.78 -4.03 10.60
N CSO A 217 3.85 -3.80 9.68
CA CSO A 217 2.92 -2.67 9.81
CB CSO A 217 3.02 -1.73 8.60
SG CSO A 217 1.91 -0.26 8.69
C CSO A 217 1.49 -3.19 9.95
O CSO A 217 1.05 -4.05 9.20
OD CSO A 217 2.27 0.61 7.32
N TYR A 218 0.77 -2.65 10.93
CA TYR A 218 -0.61 -3.05 11.19
C TYR A 218 -1.52 -1.81 11.19
N ASP A 219 -2.65 -1.90 10.51
CA ASP A 219 -3.60 -0.78 10.47
C ASP A 219 -4.83 -1.08 11.31
N LEU A 220 -5.33 -0.06 11.98
CA LEU A 220 -6.55 -0.19 12.77
C LEU A 220 -7.45 0.98 12.45
N LEU A 221 -8.71 0.66 12.15
CA LEU A 221 -9.68 1.68 11.83
C LEU A 221 -9.88 2.62 13.02
N SER A 222 -9.99 3.91 12.72
CA SER A 222 -10.21 4.93 13.73
C SER A 222 -11.02 5.99 13.03
N THR A 223 -11.92 6.64 13.76
CA THR A 223 -12.75 7.66 13.15
C THR A 223 -12.72 8.97 13.90
N MET A 224 -13.09 10.03 13.19
CA MET A 224 -13.14 11.37 13.76
C MET A 224 -14.55 11.91 13.54
N ASP A 225 -15.32 12.03 14.63
CA ASP A 225 -16.66 12.54 14.53
C ASP A 225 -16.67 13.93 13.93
N ILE A 226 -16.95 14.00 12.63
CA ILE A 226 -16.97 15.27 11.91
C ILE A 226 -18.42 15.72 11.70
N SER A 227 -19.36 15.01 12.33
CA SER A 227 -20.77 15.33 12.22
C SER A 227 -21.05 16.81 12.48
N ASP A 228 -20.69 17.29 13.67
CA ASP A 228 -20.92 18.67 14.05
C ASP A 228 -20.38 19.72 13.08
N CYS A 229 -19.41 19.34 12.25
CA CYS A 229 -18.84 20.29 11.30
C CYS A 229 -19.89 20.82 10.31
N PHE A 230 -20.97 20.07 10.12
CA PHE A 230 -22.02 20.46 9.18
C PHE A 230 -22.93 21.57 9.72
N ILE A 231 -23.17 21.59 11.02
CA ILE A 231 -24.02 22.59 11.63
C ILE A 231 -23.35 23.96 11.66
N ASP A 232 -23.97 24.94 11.01
CA ASP A 232 -23.42 26.30 10.95
C ASP A 232 -23.38 26.94 12.34
N GLY A 233 -22.34 27.73 12.57
CA GLY A 233 -22.18 28.41 13.85
C GLY A 233 -21.85 27.50 15.01
N ASN A 234 -21.99 26.19 14.80
CA ASN A 234 -21.72 25.21 15.85
C ASN A 234 -20.31 25.39 16.43
N GLU A 235 -20.20 25.20 17.74
CA GLU A 235 -18.92 25.34 18.44
C GLU A 235 -17.97 24.19 18.13
N ASN A 236 -18.42 22.97 18.37
CA ASN A 236 -17.60 21.78 18.13
C ASN A 236 -17.22 21.68 16.65
N GLY A 237 -18.17 21.96 15.77
CA GLY A 237 -17.93 21.88 14.34
C GLY A 237 -16.78 22.74 13.83
N ASP A 238 -16.77 24.01 14.19
CA ASP A 238 -15.72 24.92 13.74
C ASP A 238 -14.35 24.57 14.32
N LEU A 239 -14.33 24.21 15.60
CA LEU A 239 -13.09 23.84 16.26
C LEU A 239 -12.44 22.70 15.49
N LEU A 240 -13.28 21.77 15.04
CA LEU A 240 -12.80 20.62 14.28
C LEU A 240 -12.41 21.02 12.86
N TRP A 241 -12.96 22.13 12.38
CA TRP A 241 -12.66 22.63 11.02
C TRP A 241 -11.22 23.15 11.00
N ASP A 242 -10.84 23.85 12.05
CA ASP A 242 -9.49 24.42 12.17
C ASP A 242 -8.45 23.31 12.23
N PHE A 243 -8.76 22.27 12.98
CA PHE A 243 -7.88 21.13 13.14
C PHE A 243 -7.63 20.47 11.79
N LEU A 244 -8.68 19.87 11.25
CA LEU A 244 -8.67 19.19 9.96
C LEU A 244 -7.86 19.93 8.89
N THR A 245 -8.01 21.25 8.84
CA THR A 245 -7.33 22.08 7.85
C THR A 245 -6.02 22.68 8.32
N GLU A 246 -5.73 22.52 9.61
CA GLU A 246 -4.50 23.06 10.20
C GLU A 246 -4.43 24.56 9.95
N THR A 247 -5.57 25.23 10.06
CA THR A 247 -5.64 26.66 9.85
C THR A 247 -6.50 27.33 10.92
N CSO A 248 -6.10 28.54 11.32
CA CSO A 248 -6.82 29.30 12.33
CB CSO A 248 -5.93 30.41 12.88
SG CSO A 248 -4.51 29.80 13.80
C CSO A 248 -8.07 29.92 11.71
O CSO A 248 -7.98 30.60 10.69
OD CSO A 248 -3.66 31.18 14.25
N ASN A 249 -9.22 29.67 12.33
CA ASN A 249 -10.49 30.22 11.85
C ASN A 249 -10.68 29.88 10.37
N PHE A 250 -10.94 28.61 10.07
CA PHE A 250 -11.10 28.21 8.68
C PHE A 250 -12.46 28.62 8.13
N ASN A 251 -13.51 28.23 8.82
CA ASN A 251 -14.88 28.54 8.41
C ASN A 251 -15.18 30.03 8.43
N ALA A 252 -14.13 30.85 8.36
CA ALA A 252 -14.30 32.30 8.39
C ALA A 252 -13.15 33.07 7.74
N THR A 253 -12.07 32.38 7.38
CA THR A 253 -10.92 33.02 6.78
C THR A 253 -10.50 32.38 5.46
N ALA A 254 -10.98 31.15 5.23
CA ALA A 254 -10.65 30.43 4.01
C ALA A 254 -11.55 30.84 2.85
N PRO A 255 -10.98 30.94 1.64
CA PRO A 255 -11.76 31.32 0.46
C PRO A 255 -13.08 30.55 0.43
N PRO A 256 -14.18 31.22 0.09
CA PRO A 256 -15.50 30.58 0.03
C PRO A 256 -15.54 29.34 -0.87
N ASP A 257 -14.75 29.36 -1.94
CA ASP A 257 -14.72 28.24 -2.87
C ASP A 257 -14.08 27.01 -2.24
N LEU A 258 -12.91 27.21 -1.62
CA LEU A 258 -12.21 26.12 -0.97
C LEU A 258 -13.08 25.48 0.11
N ARG A 259 -13.81 26.31 0.84
CA ARG A 259 -14.69 25.85 1.90
C ARG A 259 -15.83 24.97 1.36
N ALA A 260 -16.33 25.31 0.19
CA ALA A 260 -17.42 24.56 -0.42
C ALA A 260 -16.93 23.21 -0.93
N GLU A 261 -15.87 23.23 -1.72
CA GLU A 261 -15.27 22.00 -2.27
C GLU A 261 -14.98 21.02 -1.13
N LEU A 262 -14.06 21.41 -0.26
CA LEU A 262 -13.67 20.58 0.87
C LEU A 262 -14.88 20.10 1.66
N GLY A 263 -15.82 21.02 1.89
CA GLY A 263 -17.02 20.66 2.65
C GLY A 263 -17.79 19.52 2.02
N LYS A 264 -17.75 19.43 0.70
CA LYS A 264 -18.44 18.37 -0.02
C LYS A 264 -17.65 17.08 0.01
N ASP A 265 -16.34 17.18 -0.19
CA ASP A 265 -15.48 15.99 -0.18
C ASP A 265 -15.49 15.29 1.17
N LEU A 266 -15.46 16.06 2.25
CA LEU A 266 -15.47 15.48 3.57
C LEU A 266 -16.68 14.55 3.71
N GLN A 267 -17.63 14.71 2.81
CA GLN A 267 -18.84 13.90 2.81
C GLN A 267 -18.69 12.68 1.90
N GLU A 268 -17.71 12.72 1.01
CA GLU A 268 -17.45 11.62 0.09
C GLU A 268 -16.84 10.42 0.81
N PRO A 269 -17.13 9.20 0.32
CA PRO A 269 -16.63 7.94 0.88
C PRO A 269 -15.11 7.83 0.97
N GLU A 270 -14.41 8.58 0.13
CA GLU A 270 -12.95 8.55 0.12
C GLU A 270 -12.41 9.15 1.42
N PHE A 271 -13.13 10.11 1.99
CA PHE A 271 -12.72 10.77 3.22
C PHE A 271 -13.46 10.26 4.46
N SER A 272 -14.78 10.14 4.36
CA SER A 272 -15.57 9.70 5.51
C SER A 272 -16.64 8.66 5.19
N ALA A 273 -17.28 8.18 6.25
CA ALA A 273 -18.35 7.20 6.15
C ALA A 273 -19.57 7.77 6.88
N LYS A 274 -20.72 7.78 6.21
CA LYS A 274 -21.94 8.31 6.82
C LYS A 274 -22.75 7.19 7.47
N LYS A 275 -22.60 7.05 8.78
CA LYS A 275 -23.31 6.02 9.55
C LYS A 275 -24.26 6.66 10.56
N GLU A 276 -25.54 6.32 10.46
CA GLU A 276 -26.53 6.85 11.37
C GLU A 276 -26.49 8.39 11.36
N GLY A 277 -26.54 8.96 10.17
CA GLY A 277 -26.50 10.41 10.04
C GLY A 277 -25.17 11.01 10.45
N LYS A 278 -24.50 10.32 11.38
CA LYS A 278 -23.21 10.76 11.89
C LYS A 278 -22.12 10.63 10.82
N VAL A 279 -21.38 11.72 10.61
CA VAL A 279 -20.31 11.73 9.63
C VAL A 279 -18.97 11.40 10.30
N LEU A 280 -18.39 10.26 9.95
CA LEU A 280 -17.14 9.83 10.55
C LEU A 280 -15.96 9.88 9.56
N PHE A 281 -15.01 10.75 9.84
CA PHE A 281 -13.82 10.92 9.01
C PHE A 281 -12.88 9.73 9.22
N ASN A 282 -12.28 9.24 8.14
CA ASN A 282 -11.38 8.09 8.22
C ASN A 282 -10.05 8.49 8.86
N ASN A 283 -9.84 8.05 10.10
CA ASN A 283 -8.62 8.39 10.84
C ASN A 283 -7.78 7.13 11.08
N THR A 284 -7.86 6.19 10.15
CA THR A 284 -7.12 4.93 10.26
C THR A 284 -5.65 5.16 10.62
N LEU A 285 -5.19 4.43 11.62
CA LEU A 285 -3.81 4.53 12.10
C LEU A 285 -2.98 3.33 11.70
N SER A 286 -1.69 3.54 11.54
CA SER A 286 -0.78 2.46 11.20
C SER A 286 0.19 2.29 12.34
N PHE A 287 0.39 1.05 12.75
CA PHE A 287 1.30 0.73 13.84
C PHE A 287 2.42 -0.09 13.25
N ILE A 288 3.62 0.47 13.26
CA ILE A 288 4.81 -0.16 12.68
C ILE A 288 5.79 -0.62 13.75
N VAL A 289 6.12 -1.90 13.76
CA VAL A 289 7.06 -2.46 14.73
C VAL A 289 8.35 -2.89 14.03
N ILE A 290 9.46 -2.28 14.46
CA ILE A 290 10.78 -2.54 13.91
C ILE A 290 11.62 -3.38 14.90
N GLU A 291 12.28 -4.42 14.38
CA GLU A 291 13.11 -5.30 15.21
C GLU A 291 14.55 -4.82 15.28
N ALA A 292 15.23 -5.18 16.35
CA ALA A 292 16.64 -4.81 16.48
C ALA A 292 17.38 -5.62 15.42
N MET B 5 2.60 9.73 -34.32
CA MET B 5 1.91 8.77 -33.41
C MET B 5 2.62 8.68 -32.07
N ARG B 6 1.87 8.93 -30.99
CA ARG B 6 2.44 8.88 -29.65
C ARG B 6 1.84 7.77 -28.78
N SER B 7 2.72 7.06 -28.08
CA SER B 7 2.35 5.95 -27.21
C SER B 7 1.22 6.30 -26.24
N LEU B 8 0.25 5.40 -26.13
CA LEU B 8 -0.87 5.59 -25.23
C LEU B 8 -0.40 5.77 -23.79
N PHE B 9 0.77 5.21 -23.49
CA PHE B 9 1.35 5.31 -22.15
C PHE B 9 1.71 6.74 -21.79
N SER B 10 2.05 7.53 -22.80
CA SER B 10 2.43 8.93 -22.59
C SER B 10 1.32 9.76 -21.96
N ASP B 11 0.07 9.48 -22.33
CA ASP B 11 -1.07 10.20 -21.78
C ASP B 11 -1.89 9.31 -20.85
N HIS B 12 -1.52 9.34 -19.57
CA HIS B 12 -2.19 8.54 -18.55
C HIS B 12 -3.71 8.61 -18.63
N GLY B 13 -4.24 9.81 -18.84
CA GLY B 13 -5.68 9.96 -18.95
C GLY B 13 -6.27 9.09 -20.03
N LYS B 14 -5.72 9.20 -21.25
CA LYS B 14 -6.19 8.41 -22.37
C LYS B 14 -5.92 6.93 -22.10
N TYR B 15 -4.89 6.66 -21.32
CA TYR B 15 -4.52 5.29 -20.97
C TYR B 15 -5.65 4.60 -20.20
N VAL B 16 -5.98 5.15 -19.04
CA VAL B 16 -7.04 4.60 -18.21
C VAL B 16 -8.40 4.66 -18.91
N GLU B 17 -8.59 5.70 -19.73
CA GLU B 17 -9.84 5.87 -20.46
C GLU B 17 -10.07 4.69 -21.39
N SER B 18 -9.05 4.38 -22.19
CA SER B 18 -9.13 3.27 -23.13
C SER B 18 -9.06 1.94 -22.39
N PHE B 19 -8.25 1.87 -21.35
CA PHE B 19 -8.13 0.64 -20.58
C PHE B 19 -9.49 0.28 -19.98
N ARG B 20 -10.15 1.28 -19.43
CA ARG B 20 -11.46 1.09 -18.84
C ARG B 20 -12.40 0.48 -19.86
N ARG B 21 -12.37 1.01 -21.07
N ARG B 21 -12.40 1.03 -21.07
N ARG B 21 -12.39 1.02 -21.07
CA ARG B 21 -13.22 0.54 -22.15
CA ARG B 21 -13.27 0.52 -22.13
CA ARG B 21 -13.25 0.54 -22.15
C ARG B 21 -12.89 -0.90 -22.52
C ARG B 21 -12.90 -0.92 -22.51
C ARG B 21 -12.89 -0.90 -22.52
N PHE B 22 -11.60 -1.22 -22.48
CA PHE B 22 -11.12 -2.56 -22.79
C PHE B 22 -11.78 -3.53 -21.80
N LEU B 23 -11.60 -3.26 -20.51
CA LEU B 23 -12.20 -4.08 -19.48
C LEU B 23 -13.72 -4.17 -19.65
N ASN B 24 -14.40 -3.02 -19.69
CA ASN B 24 -15.85 -3.03 -19.81
C ASN B 24 -16.39 -3.54 -21.15
N HIS B 25 -15.50 -4.00 -22.02
CA HIS B 25 -15.90 -4.56 -23.30
C HIS B 25 -15.27 -5.92 -23.59
N SER B 26 -14.65 -6.51 -22.57
CA SER B 26 -14.02 -7.82 -22.73
C SER B 26 -14.38 -8.72 -21.55
N THR B 27 -13.67 -9.84 -21.44
CA THR B 27 -13.89 -10.79 -20.36
C THR B 27 -12.60 -11.02 -19.58
N GLU B 28 -11.68 -10.06 -19.63
CA GLU B 28 -10.39 -10.16 -18.94
C GLU B 28 -10.47 -10.66 -17.50
N HIS B 29 -10.94 -9.84 -16.57
CA HIS B 29 -11.02 -10.31 -15.18
C HIS B 29 -11.96 -11.50 -14.97
N GLN B 30 -13.03 -11.59 -15.76
CA GLN B 30 -13.96 -12.72 -15.65
C GLN B 30 -13.25 -14.00 -16.08
N CYS B 31 -12.46 -13.92 -17.14
CA CYS B 31 -11.70 -15.08 -17.62
C CYS B 31 -10.81 -15.50 -16.45
N MET B 32 -10.17 -14.52 -15.85
N MET B 32 -10.14 -14.53 -15.85
CA MET B 32 -9.28 -14.73 -14.70
CA MET B 32 -9.26 -14.82 -14.72
C MET B 32 -10.03 -15.43 -13.59
C MET B 32 -10.02 -15.44 -13.55
N GLN B 33 -11.17 -14.87 -13.22
CA GLN B 33 -11.99 -15.42 -12.14
C GLN B 33 -12.31 -16.88 -12.40
N GLU B 34 -12.67 -17.19 -13.65
CA GLU B 34 -13.01 -18.55 -14.03
C GLU B 34 -11.83 -19.48 -13.79
N PHE B 35 -10.65 -19.04 -14.18
CA PHE B 35 -9.44 -19.85 -13.99
C PHE B 35 -9.19 -20.07 -12.51
N MET B 36 -9.32 -19.03 -11.71
N MET B 36 -9.32 -19.01 -11.71
CA MET B 36 -9.07 -19.17 -10.29
CA MET B 36 -9.08 -19.12 -10.28
C MET B 36 -10.08 -20.09 -9.61
C MET B 36 -10.08 -20.05 -9.60
N ASP B 37 -11.35 -19.97 -10.01
CA ASP B 37 -12.39 -20.81 -9.43
C ASP B 37 -12.22 -22.28 -9.79
N LYS B 38 -11.86 -22.53 -11.04
CA LYS B 38 -11.75 -23.89 -11.57
C LYS B 38 -10.36 -24.56 -11.60
N LYS B 39 -9.32 -23.77 -11.82
CA LYS B 39 -7.98 -24.32 -11.93
C LYS B 39 -7.02 -24.09 -10.76
N LEU B 40 -7.09 -22.90 -10.14
CA LEU B 40 -6.17 -22.60 -9.04
C LEU B 40 -6.16 -23.59 -7.88
N PRO B 41 -7.35 -23.97 -7.37
CA PRO B 41 -7.36 -24.93 -6.25
C PRO B 41 -6.41 -26.09 -6.46
N GLY B 42 -6.45 -26.72 -7.62
CA GLY B 42 -5.56 -27.84 -7.88
C GLY B 42 -4.10 -27.44 -7.92
N ILE B 43 -3.82 -26.27 -8.50
CA ILE B 43 -2.46 -25.77 -8.63
C ILE B 43 -1.82 -25.47 -7.27
N ILE B 44 -2.59 -24.88 -6.36
CA ILE B 44 -2.04 -24.53 -5.05
C ILE B 44 -2.32 -25.59 -3.99
N GLY B 45 -2.90 -26.70 -4.42
CA GLY B 45 -3.25 -27.78 -3.50
C GLY B 45 -2.18 -28.34 -2.57
N ARG B 46 -0.90 -28.09 -2.83
CA ARG B 46 0.13 -28.63 -1.95
C ARG B 46 1.24 -27.66 -1.56
N ILE B 47 1.08 -26.39 -1.91
CA ILE B 47 2.11 -25.40 -1.60
C ILE B 47 2.25 -25.12 -0.11
N GLY B 48 1.25 -25.52 0.67
CA GLY B 48 1.30 -25.29 2.10
C GLY B 48 1.60 -26.56 2.92
N ASP B 49 1.75 -27.70 2.26
CA ASP B 49 2.03 -28.94 3.00
C ASP B 49 3.31 -28.81 3.85
N THR B 50 3.20 -29.23 5.11
CA THR B 50 4.27 -29.20 6.11
C THR B 50 4.61 -27.83 6.68
N LYS B 51 3.92 -26.80 6.21
CA LYS B 51 4.23 -25.45 6.66
C LYS B 51 3.25 -24.79 7.62
N SER B 52 3.76 -24.02 8.57
CA SER B 52 2.90 -23.32 9.52
C SER B 52 2.69 -21.87 9.06
N GLU B 53 3.23 -21.55 7.88
CA GLU B 53 3.06 -20.22 7.32
C GLU B 53 3.18 -20.35 5.81
N ILE B 54 2.30 -19.65 5.08
CA ILE B 54 2.36 -19.72 3.62
C ILE B 54 2.75 -18.34 3.08
N LYS B 55 3.87 -18.32 2.35
CA LYS B 55 4.40 -17.09 1.78
C LYS B 55 4.04 -16.92 0.31
N ILE B 56 3.32 -15.84 0.01
CA ILE B 56 2.89 -15.56 -1.36
C ILE B 56 3.52 -14.25 -1.82
N LEU B 57 4.14 -14.28 -3.00
CA LEU B 57 4.80 -13.09 -3.55
C LEU B 57 4.07 -12.67 -4.82
N SER B 58 3.45 -11.50 -4.76
CA SER B 58 2.69 -10.92 -5.88
C SER B 58 3.55 -9.90 -6.64
N ILE B 59 3.88 -10.21 -7.88
CA ILE B 59 4.69 -9.27 -8.68
C ILE B 59 3.73 -8.53 -9.59
N GLY B 60 3.74 -7.20 -9.49
CA GLY B 60 2.83 -6.38 -10.28
C GLY B 60 1.39 -6.61 -9.84
N GLY B 61 1.17 -6.76 -8.54
CA GLY B 61 -0.16 -7.00 -8.01
C GLY B 61 -1.24 -5.97 -8.35
N GLY B 62 -0.85 -4.76 -8.73
CA GLY B 62 -1.86 -3.78 -9.12
C GLY B 62 -2.86 -3.32 -8.04
N ALA B 63 -4.15 -3.32 -8.35
CA ALA B 63 -5.17 -2.85 -7.41
C ALA B 63 -5.70 -3.95 -6.47
N GLY B 64 -5.09 -5.14 -6.57
CA GLY B 64 -5.36 -6.26 -5.65
C GLY B 64 -6.58 -7.17 -5.87
N GLU B 65 -7.48 -6.92 -6.84
CA GLU B 65 -8.64 -7.80 -6.99
C GLU B 65 -8.25 -9.26 -7.22
N ILE B 66 -7.39 -9.50 -8.19
CA ILE B 66 -6.93 -10.86 -8.48
C ILE B 66 -6.16 -11.48 -7.31
N ASP B 67 -5.28 -10.70 -6.68
CA ASP B 67 -4.53 -11.23 -5.54
C ASP B 67 -5.44 -11.76 -4.44
N LEU B 68 -6.54 -11.07 -4.18
CA LEU B 68 -7.44 -11.51 -3.11
C LEU B 68 -8.21 -12.76 -3.51
N GLN B 69 -8.43 -12.94 -4.81
CA GLN B 69 -9.13 -14.14 -5.23
C GLN B 69 -8.18 -15.32 -4.99
N ILE B 70 -6.92 -15.12 -5.33
CA ILE B 70 -5.90 -16.15 -5.13
C ILE B 70 -5.85 -16.50 -3.65
N LEU B 71 -5.77 -15.49 -2.80
CA LEU B 71 -5.72 -15.69 -1.35
C LEU B 71 -6.93 -16.47 -0.82
N SER B 72 -8.10 -16.16 -1.37
N SER B 72 -8.11 -16.17 -1.32
CA SER B 72 -9.34 -16.84 -0.97
CA SER B 72 -9.30 -16.89 -0.86
C SER B 72 -9.22 -18.34 -1.17
C SER B 72 -9.12 -18.38 -1.11
N LYS B 73 -8.61 -18.75 -2.28
CA LYS B 73 -8.42 -20.17 -2.58
C LYS B 73 -7.36 -20.80 -1.68
N VAL B 74 -6.31 -20.05 -1.38
CA VAL B 74 -5.28 -20.60 -0.52
C VAL B 74 -5.83 -20.81 0.88
N GLN B 75 -6.59 -19.85 1.38
CA GLN B 75 -7.17 -19.97 2.73
C GLN B 75 -8.12 -21.16 2.83
N ALA B 76 -8.91 -21.38 1.79
CA ALA B 76 -9.85 -22.50 1.77
C ALA B 76 -9.11 -23.85 1.78
N GLN B 77 -7.96 -23.90 1.13
CA GLN B 77 -7.17 -25.13 1.06
C GLN B 77 -6.41 -25.38 2.37
N TYR B 78 -6.06 -24.29 3.05
CA TYR B 78 -5.28 -24.37 4.29
C TYR B 78 -5.90 -23.55 5.41
N PRO B 79 -7.12 -23.91 5.86
CA PRO B 79 -7.73 -23.14 6.93
C PRO B 79 -6.86 -23.06 8.18
N GLY B 80 -6.83 -21.88 8.80
CA GLY B 80 -6.06 -21.71 10.01
C GLY B 80 -4.58 -21.37 9.83
N VAL B 81 -4.07 -21.54 8.63
CA VAL B 81 -2.65 -21.25 8.39
C VAL B 81 -2.40 -19.79 8.04
N CSO B 82 -1.47 -19.16 8.76
N CSO B 82 -1.45 -19.16 8.75
CA CSO B 82 -1.15 -17.76 8.51
CA CSO B 82 -1.12 -17.77 8.53
CB CSO B 82 -0.12 -17.26 9.51
CB CSO B 82 -0.14 -17.30 9.59
SG CSO B 82 -0.72 -17.07 11.20
SG CSO B 82 0.34 -15.58 9.43
C CSO B 82 -0.54 -17.59 7.11
C CSO B 82 -0.52 -17.57 7.13
O CSO B 82 0.16 -18.46 6.63
O CSO B 82 0.31 -18.37 6.69
OD CSO B 82 -2.71 -16.16 11.44
N ILE B 83 -0.95 -16.54 6.42
CA ILE B 83 -0.42 -16.24 5.10
C ILE B 83 0.26 -14.88 5.08
N ASN B 84 1.44 -14.83 4.48
CA ASN B 84 2.19 -13.60 4.28
C ASN B 84 2.13 -13.29 2.80
N ASN B 85 1.39 -12.25 2.44
CA ASN B 85 1.22 -11.89 1.04
C ASN B 85 1.96 -10.57 0.80
N GLU B 86 3.15 -10.65 0.19
CA GLU B 86 3.95 -9.46 -0.09
C GLU B 86 3.79 -9.09 -1.55
N VAL B 87 3.69 -7.79 -1.78
CA VAL B 87 3.42 -7.26 -3.12
C VAL B 87 4.50 -6.32 -3.58
N VAL B 88 4.92 -6.52 -4.83
CA VAL B 88 5.94 -5.69 -5.47
C VAL B 88 5.19 -4.97 -6.58
N GLU B 89 4.94 -3.68 -6.38
CA GLU B 89 4.15 -2.85 -7.30
C GLU B 89 4.73 -1.42 -7.26
N PRO B 90 5.22 -0.92 -8.39
CA PRO B 90 5.80 0.44 -8.47
C PRO B 90 4.84 1.62 -8.53
N SER B 91 3.56 1.35 -8.80
CA SER B 91 2.59 2.42 -8.86
C SER B 91 1.95 2.74 -7.50
N ALA B 92 2.15 3.96 -7.01
CA ALA B 92 1.56 4.36 -5.75
C ALA B 92 0.04 4.35 -5.89
N GLU B 93 -0.45 4.76 -7.06
CA GLU B 93 -1.89 4.78 -7.27
C GLU B 93 -2.49 3.39 -7.15
N GLN B 94 -1.80 2.40 -7.68
CA GLN B 94 -2.26 1.02 -7.61
C GLN B 94 -2.21 0.53 -6.15
N ILE B 95 -1.11 0.81 -5.46
CA ILE B 95 -0.98 0.39 -4.06
C ILE B 95 -2.11 1.00 -3.21
N ALA B 96 -2.42 2.26 -3.47
CA ALA B 96 -3.50 2.94 -2.74
C ALA B 96 -4.84 2.20 -2.91
N LYS B 97 -5.15 1.80 -4.14
CA LYS B 97 -6.39 1.07 -4.43
C LYS B 97 -6.37 -0.31 -3.76
N TYR B 98 -5.22 -0.95 -3.81
CA TYR B 98 -5.06 -2.28 -3.21
C TYR B 98 -5.33 -2.19 -1.70
N LYS B 99 -4.77 -1.18 -1.05
CA LYS B 99 -4.95 -0.98 0.38
C LYS B 99 -6.41 -0.71 0.73
N GLU B 100 -7.07 0.09 -0.10
CA GLU B 100 -8.47 0.41 0.11
C GLU B 100 -9.31 -0.85 0.02
N LEU B 101 -8.99 -1.71 -0.94
CA LEU B 101 -9.73 -2.96 -1.13
C LEU B 101 -9.58 -3.87 0.11
N VAL B 102 -8.35 -4.01 0.57
CA VAL B 102 -8.10 -4.86 1.73
C VAL B 102 -8.85 -4.33 2.95
N ALA B 103 -8.83 -3.02 3.13
CA ALA B 103 -9.48 -2.40 4.26
C ALA B 103 -10.98 -2.69 4.37
N LYS B 104 -11.65 -2.95 3.25
CA LYS B 104 -13.07 -3.23 3.30
C LYS B 104 -13.41 -4.69 3.06
N THR B 105 -12.40 -5.56 3.04
CA THR B 105 -12.65 -6.97 2.81
C THR B 105 -12.56 -7.72 4.14
N SER B 106 -13.54 -8.57 4.39
CA SER B 106 -13.55 -9.35 5.63
C SER B 106 -12.92 -10.70 5.33
N ASN B 107 -12.73 -11.51 6.37
CA ASN B 107 -12.15 -12.83 6.19
C ASN B 107 -10.68 -12.76 5.76
N LEU B 108 -9.98 -11.73 6.20
CA LEU B 108 -8.56 -11.57 5.87
C LEU B 108 -7.73 -11.47 7.15
N GLU B 109 -8.34 -11.83 8.29
CA GLU B 109 -7.67 -11.75 9.57
C GLU B 109 -6.40 -12.58 9.59
N ASN B 110 -6.37 -13.75 8.96
CA ASN B 110 -5.19 -14.61 8.96
C ASN B 110 -4.14 -14.24 7.91
N VAL B 111 -4.37 -13.15 7.18
CA VAL B 111 -3.44 -12.72 6.15
C VAL B 111 -2.70 -11.45 6.52
N LYS B 112 -1.40 -11.45 6.29
CA LYS B 112 -0.55 -10.29 6.56
C LYS B 112 -0.15 -9.76 5.19
N PHE B 113 -0.30 -8.45 4.97
CA PHE B 113 0.07 -7.82 3.71
C PHE B 113 1.25 -6.87 3.87
N ALA B 114 2.10 -6.80 2.85
CA ALA B 114 3.23 -5.88 2.83
C ALA B 114 3.36 -5.40 1.38
N TRP B 115 3.43 -4.09 1.19
CA TRP B 115 3.58 -3.54 -0.16
C TRP B 115 4.93 -2.88 -0.33
N HIS B 116 5.64 -3.25 -1.40
CA HIS B 116 6.96 -2.65 -1.72
C HIS B 116 6.79 -1.87 -2.98
N LYS B 117 6.98 -0.54 -2.90
CA LYS B 117 6.80 0.32 -4.07
C LYS B 117 8.06 0.31 -4.92
N GLU B 118 8.18 -0.71 -5.77
CA GLU B 118 9.34 -0.86 -6.64
C GLU B 118 8.99 -1.83 -7.77
N THR B 119 9.89 -1.92 -8.75
CA THR B 119 9.70 -2.82 -9.88
C THR B 119 10.26 -4.20 -9.50
N SER B 120 10.00 -5.23 -10.29
CA SER B 120 10.52 -6.55 -9.96
C SER B 120 12.05 -6.54 -10.03
N SER B 121 12.58 -5.70 -10.93
CA SER B 121 14.03 -5.60 -11.09
C SER B 121 14.67 -4.97 -9.85
N GLU B 122 14.03 -3.93 -9.31
CA GLU B 122 14.53 -3.27 -8.11
C GLU B 122 14.46 -4.28 -6.96
N TYR B 123 13.32 -4.97 -6.83
CA TYR B 123 13.17 -6.00 -5.78
C TYR B 123 14.29 -7.03 -5.88
N GLN B 124 14.52 -7.53 -7.09
CA GLN B 124 15.56 -8.51 -7.35
C GLN B 124 16.94 -8.02 -6.88
N SER B 125 17.30 -6.80 -7.25
CA SER B 125 18.60 -6.29 -6.84
C SER B 125 18.61 -6.04 -5.34
N ARG B 126 17.50 -5.56 -4.76
CA ARG B 126 17.47 -5.33 -3.32
C ARG B 126 17.68 -6.65 -2.58
N MET B 127 16.98 -7.70 -3.02
CA MET B 127 17.10 -9.00 -2.38
C MET B 127 18.50 -9.58 -2.53
N LEU B 128 19.14 -9.26 -3.66
CA LEU B 128 20.48 -9.75 -3.91
C LEU B 128 21.51 -9.04 -3.02
N GLU B 129 21.06 -8.01 -2.31
CA GLU B 129 21.94 -7.26 -1.41
C GLU B 129 21.89 -7.88 -0.01
N LYS B 130 20.83 -8.63 0.25
CA LYS B 130 20.64 -9.28 1.55
C LYS B 130 21.65 -10.43 1.67
N LYS B 131 21.91 -10.86 2.90
CA LYS B 131 22.85 -11.95 3.14
C LYS B 131 22.47 -13.16 2.29
N GLU B 132 21.24 -13.64 2.46
CA GLU B 132 20.78 -14.80 1.71
C GLU B 132 19.39 -14.56 1.12
N LEU B 133 19.07 -15.30 0.06
CA LEU B 133 17.78 -15.17 -0.60
C LEU B 133 16.68 -15.96 0.11
N GLN B 134 15.50 -15.33 0.22
CA GLN B 134 14.35 -15.95 0.87
C GLN B 134 13.76 -17.01 -0.07
N LYS B 135 12.71 -17.67 0.41
CA LYS B 135 12.01 -18.68 -0.38
C LYS B 135 10.53 -18.37 -0.23
N TRP B 136 9.76 -18.65 -1.28
CA TRP B 136 8.32 -18.37 -1.32
C TRP B 136 7.57 -19.62 -1.72
N ASP B 137 6.31 -19.73 -1.26
CA ASP B 137 5.50 -20.91 -1.57
C ASP B 137 4.69 -20.75 -2.84
N PHE B 138 4.40 -19.51 -3.21
CA PHE B 138 3.67 -19.23 -4.43
C PHE B 138 4.11 -17.84 -4.91
N ILE B 139 4.47 -17.74 -6.18
CA ILE B 139 4.89 -16.46 -6.74
C ILE B 139 4.05 -16.26 -7.99
N HIS B 140 3.48 -15.07 -8.17
CA HIS B 140 2.71 -14.85 -9.38
C HIS B 140 3.00 -13.51 -10.05
N MET B 141 2.95 -13.52 -11.38
CA MET B 141 3.25 -12.38 -12.22
C MET B 141 2.13 -12.32 -13.26
N ILE B 142 1.05 -11.66 -12.90
CA ILE B 142 -0.14 -11.58 -13.72
C ILE B 142 -0.23 -10.33 -14.58
N GLN B 143 -0.19 -10.57 -15.90
CA GLN B 143 -0.28 -9.50 -16.89
C GLN B 143 0.68 -8.34 -16.66
N MET B 144 1.92 -8.65 -16.32
CA MET B 144 2.93 -7.62 -16.07
C MET B 144 4.29 -7.84 -16.72
N LEU B 145 4.55 -9.02 -17.26
CA LEU B 145 5.87 -9.25 -17.85
C LEU B 145 6.18 -8.31 -19.01
N TYR B 146 5.16 -7.70 -19.59
CA TYR B 146 5.36 -6.78 -20.71
C TYR B 146 6.23 -5.60 -20.28
N TYR B 147 6.22 -5.33 -18.98
CA TYR B 147 6.92 -4.20 -18.42
C TYR B 147 8.29 -4.51 -17.84
N VAL B 148 8.74 -5.75 -18.03
CA VAL B 148 10.04 -6.19 -17.54
C VAL B 148 11.06 -6.14 -18.67
N LYS B 149 12.25 -5.62 -18.39
CA LYS B 149 13.30 -5.49 -19.39
C LYS B 149 13.99 -6.81 -19.77
N ASP B 150 14.43 -7.57 -18.77
CA ASP B 150 15.16 -8.81 -19.02
C ASP B 150 14.31 -9.96 -18.46
N ILE B 151 13.49 -10.53 -19.33
CA ILE B 151 12.59 -11.59 -18.90
C ILE B 151 13.31 -12.89 -18.52
N PRO B 152 14.29 -13.33 -19.32
CA PRO B 152 14.96 -14.58 -18.91
C PRO B 152 15.59 -14.50 -17.52
N ALA B 153 16.22 -13.38 -17.21
CA ALA B 153 16.84 -13.21 -15.90
C ALA B 153 15.77 -13.18 -14.81
N THR B 154 14.65 -12.54 -15.11
CA THR B 154 13.54 -12.43 -14.16
C THR B 154 12.95 -13.81 -13.90
N LEU B 155 12.76 -14.60 -14.96
CA LEU B 155 12.20 -15.95 -14.80
C LEU B 155 13.14 -16.83 -13.97
N LYS B 156 14.43 -16.76 -14.30
CA LYS B 156 15.40 -17.59 -13.59
C LYS B 156 15.50 -17.18 -12.12
N PHE B 157 15.53 -15.89 -11.85
CA PHE B 157 15.63 -15.40 -10.48
C PHE B 157 14.40 -15.77 -9.65
N PHE B 158 13.21 -15.44 -10.14
CA PHE B 158 12.06 -15.78 -9.32
C PHE B 158 11.88 -17.28 -9.16
N HIS B 159 12.21 -18.05 -10.18
CA HIS B 159 12.09 -19.50 -10.03
C HIS B 159 13.05 -19.94 -8.92
N SER B 160 14.18 -19.25 -8.81
CA SER B 160 15.18 -19.57 -7.80
C SER B 160 14.69 -19.31 -6.37
N LEU B 161 13.60 -18.54 -6.24
CA LEU B 161 13.03 -18.23 -4.93
C LEU B 161 11.94 -19.18 -4.49
N LEU B 162 11.63 -20.18 -5.31
CA LEU B 162 10.56 -21.13 -4.99
C LEU B 162 10.99 -22.17 -3.97
N GLY B 163 10.19 -22.32 -2.92
CA GLY B 163 10.49 -23.29 -1.88
C GLY B 163 10.05 -24.67 -2.27
N THR B 164 10.06 -25.59 -1.31
CA THR B 164 9.65 -26.97 -1.58
C THR B 164 8.20 -27.07 -1.98
N ASN B 165 7.95 -27.71 -3.13
CA ASN B 165 6.61 -27.89 -3.67
C ASN B 165 5.94 -26.56 -4.00
N ALA B 166 6.74 -25.51 -4.19
CA ALA B 166 6.19 -24.21 -4.53
C ALA B 166 5.93 -24.12 -6.03
N LYS B 167 5.08 -23.17 -6.41
CA LYS B 167 4.74 -22.99 -7.82
C LYS B 167 4.79 -21.51 -8.17
N MET B 168 5.05 -21.20 -9.44
CA MET B 168 5.05 -19.85 -9.94
C MET B 168 4.05 -19.76 -11.06
N LEU B 169 3.13 -18.81 -10.98
CA LEU B 169 2.09 -18.63 -11.99
C LEU B 169 2.34 -17.36 -12.79
N ILE B 170 2.33 -17.48 -14.13
CA ILE B 170 2.53 -16.32 -14.96
C ILE B 170 1.38 -16.26 -15.97
N ILE B 171 0.81 -15.06 -16.13
CA ILE B 171 -0.30 -14.88 -17.07
C ILE B 171 0.02 -13.76 -18.05
N VAL B 172 -0.11 -14.08 -19.34
CA VAL B 172 0.09 -13.11 -20.41
C VAL B 172 -0.86 -13.53 -21.54
N VAL B 173 -1.02 -12.69 -22.56
CA VAL B 173 -1.90 -13.04 -23.67
C VAL B 173 -1.31 -14.23 -24.43
N SER B 174 -2.17 -15.07 -25.02
CA SER B 174 -1.72 -16.26 -25.73
C SER B 174 -1.11 -16.02 -27.09
N GLY B 175 -0.23 -16.94 -27.51
CA GLY B 175 0.40 -16.82 -28.81
C GLY B 175 -0.64 -17.03 -29.91
N SER B 176 -1.82 -17.47 -29.50
CA SER B 176 -2.92 -17.71 -30.44
C SER B 176 -3.94 -16.57 -30.41
N SER B 177 -3.68 -15.57 -29.57
CA SER B 177 -4.59 -14.42 -29.45
C SER B 177 -4.45 -13.47 -30.61
N GLY B 178 -5.38 -12.54 -30.72
CA GLY B 178 -5.32 -11.55 -31.78
C GLY B 178 -4.15 -10.64 -31.53
N TRP B 179 -3.78 -10.50 -30.25
CA TRP B 179 -2.64 -9.65 -29.89
C TRP B 179 -1.40 -10.12 -30.60
N ASP B 180 -1.20 -11.43 -30.64
CA ASP B 180 -0.05 -12.01 -31.31
C ASP B 180 -0.01 -11.61 -32.78
N LYS B 181 -1.13 -11.74 -33.46
CA LYS B 181 -1.20 -11.38 -34.88
C LYS B 181 -1.05 -9.87 -35.06
N LEU B 182 -1.68 -9.09 -34.19
CA LEU B 182 -1.61 -7.64 -34.26
C LEU B 182 -0.17 -7.13 -34.12
N TRP B 183 0.53 -7.64 -33.12
CA TRP B 183 1.91 -7.22 -32.86
C TRP B 183 2.89 -7.73 -33.92
N LYS B 184 2.79 -9.01 -34.27
CA LYS B 184 3.69 -9.57 -35.27
C LYS B 184 3.63 -8.83 -36.60
N LYS B 185 2.44 -8.44 -37.01
CA LYS B 185 2.24 -7.77 -38.28
C LYS B 185 2.27 -6.25 -38.25
N TYR B 186 1.86 -5.64 -37.14
CA TYR B 186 1.84 -4.18 -37.05
C TYR B 186 2.65 -3.59 -35.90
N GLY B 187 3.32 -4.43 -35.13
CA GLY B 187 4.09 -3.95 -34.00
C GLY B 187 5.05 -2.80 -34.26
N SER B 188 5.79 -2.87 -35.36
CA SER B 188 6.77 -1.84 -35.70
C SER B 188 6.18 -0.54 -36.21
N ARG B 189 4.91 -0.57 -36.61
CA ARG B 189 4.25 0.63 -37.10
C ARG B 189 3.57 1.40 -35.98
N PHE B 190 3.52 0.80 -34.79
CA PHE B 190 2.93 1.44 -33.62
C PHE B 190 4.07 2.13 -32.88
N PRO B 191 3.78 3.21 -32.13
CA PRO B 191 4.81 3.91 -31.38
C PRO B 191 5.47 3.02 -30.33
N GLN B 192 6.80 3.09 -30.26
CA GLN B 192 7.54 2.29 -29.28
C GLN B 192 7.66 2.99 -27.94
N ASP B 193 7.74 2.21 -26.88
CA ASP B 193 7.86 2.73 -25.52
C ASP B 193 8.91 1.89 -24.80
N ASP B 194 9.91 2.56 -24.23
CA ASP B 194 10.98 1.87 -23.51
C ASP B 194 10.44 1.11 -22.30
N LEU B 195 9.23 1.43 -21.88
CA LEU B 195 8.66 0.78 -20.71
C LEU B 195 7.84 -0.45 -21.01
N CYS B 196 7.88 -0.92 -22.25
N CYS B 196 7.86 -0.92 -22.25
CA CYS B 196 7.07 -2.07 -22.61
CA CYS B 196 7.09 -2.12 -22.58
C CYS B 196 7.57 -2.83 -23.84
C CYS B 196 7.61 -2.84 -23.80
N GLN B 197 7.28 -4.13 -23.88
CA GLN B 197 7.68 -4.96 -25.01
C GLN B 197 6.56 -5.97 -25.23
N TYR B 198 6.31 -6.29 -26.50
CA TYR B 198 5.26 -7.25 -26.84
C TYR B 198 5.71 -8.65 -26.43
N ILE B 199 4.87 -9.35 -25.68
CA ILE B 199 5.19 -10.70 -25.23
C ILE B 199 3.91 -11.53 -25.23
N THR B 200 3.97 -12.75 -25.75
CA THR B 200 2.82 -13.66 -25.75
C THR B 200 3.32 -14.97 -25.10
N SER B 201 2.42 -15.93 -24.89
CA SER B 201 2.82 -17.18 -24.26
C SER B 201 3.85 -17.93 -25.10
N ASP B 202 3.87 -17.66 -26.39
CA ASP B 202 4.81 -18.32 -27.29
C ASP B 202 6.24 -17.86 -26.99
N ASP B 203 6.40 -16.57 -26.74
CA ASP B 203 7.71 -16.05 -26.39
C ASP B 203 8.12 -16.62 -25.05
N LEU B 204 7.17 -16.68 -24.11
N LEU B 204 7.15 -16.69 -24.13
CA LEU B 204 7.48 -17.19 -22.80
CA LEU B 204 7.42 -17.18 -22.79
C LEU B 204 7.84 -18.68 -22.73
C LEU B 204 7.81 -18.66 -22.72
N THR B 205 7.08 -19.53 -23.42
CA THR B 205 7.39 -20.95 -23.40
C THR B 205 8.74 -21.21 -24.04
N GLN B 206 9.09 -20.43 -25.06
CA GLN B 206 10.40 -20.58 -25.71
C GLN B 206 11.48 -20.25 -24.69
N MET B 207 11.32 -19.12 -24.00
CA MET B 207 12.32 -18.72 -23.00
C MET B 207 12.40 -19.75 -21.88
N LEU B 208 11.25 -20.28 -21.46
CA LEU B 208 11.23 -21.28 -20.39
C LEU B 208 11.88 -22.57 -20.87
N ASP B 209 11.63 -22.93 -22.13
CA ASP B 209 12.22 -24.15 -22.67
C ASP B 209 13.73 -24.02 -22.68
N ASN B 210 14.20 -22.87 -23.15
CA ASN B 210 15.63 -22.61 -23.20
C ASN B 210 16.25 -22.59 -21.80
N LEU B 211 15.50 -22.08 -20.82
CA LEU B 211 15.98 -22.03 -19.44
C LEU B 211 15.95 -23.41 -18.81
N GLY B 212 15.26 -24.34 -19.46
CA GLY B 212 15.17 -25.70 -18.94
C GLY B 212 14.30 -25.82 -17.70
N LEU B 213 13.27 -24.99 -17.61
CA LEU B 213 12.37 -25.04 -16.46
C LEU B 213 11.15 -25.87 -16.84
N LYS B 214 10.61 -26.58 -15.85
CA LYS B 214 9.44 -27.44 -16.04
C LYS B 214 8.15 -26.65 -15.86
N TYR B 215 7.24 -26.74 -16.82
CA TYR B 215 5.99 -25.97 -16.72
C TYR B 215 4.84 -26.61 -17.52
N GLU B 216 3.64 -26.06 -17.31
CA GLU B 216 2.45 -26.46 -18.04
C GLU B 216 1.79 -25.15 -18.41
N CYS B 217 1.13 -25.11 -19.57
CA CYS B 217 0.47 -23.90 -20.04
C CYS B 217 -0.97 -24.22 -20.41
N TYR B 218 -1.87 -23.31 -20.05
N TYR B 218 -1.88 -23.31 -20.06
CA TYR B 218 -3.30 -23.47 -20.35
CA TYR B 218 -3.30 -23.49 -20.37
C TYR B 218 -3.83 -22.19 -20.97
C TYR B 218 -3.87 -22.20 -20.95
N ASP B 219 -4.63 -22.32 -22.03
CA ASP B 219 -5.23 -21.15 -22.67
C ASP B 219 -6.70 -21.10 -22.34
N LEU B 220 -7.21 -19.91 -22.05
CA LEU B 220 -8.63 -19.73 -21.79
C LEU B 220 -9.11 -18.62 -22.68
N LEU B 221 -10.14 -18.90 -23.48
CA LEU B 221 -10.68 -17.90 -24.38
C LEU B 221 -11.14 -16.69 -23.59
N SER B 222 -10.93 -15.52 -24.18
CA SER B 222 -11.34 -14.26 -23.59
C SER B 222 -11.51 -13.36 -24.80
N THR B 223 -12.62 -12.65 -24.87
CA THR B 223 -12.83 -11.79 -26.01
C THR B 223 -12.87 -10.33 -25.62
N MET B 224 -12.82 -9.48 -26.65
CA MET B 224 -12.87 -8.04 -26.50
C MET B 224 -13.75 -7.56 -27.67
N ASP B 225 -14.98 -7.17 -27.36
CA ASP B 225 -15.90 -6.72 -28.39
C ASP B 225 -15.40 -5.43 -29.04
N ILE B 226 -15.01 -5.52 -30.30
CA ILE B 226 -14.52 -4.36 -31.04
C ILE B 226 -15.50 -4.02 -32.15
N SER B 227 -16.79 -4.28 -31.89
CA SER B 227 -17.84 -4.01 -32.85
C SER B 227 -17.91 -2.50 -33.17
N ASP B 228 -17.71 -1.67 -32.14
CA ASP B 228 -17.77 -0.21 -32.30
C ASP B 228 -16.61 0.34 -33.12
N CYS B 229 -15.56 -0.46 -33.27
CA CYS B 229 -14.40 -0.03 -34.04
C CYS B 229 -14.76 0.13 -35.51
N PHE B 230 -15.74 -0.64 -35.96
CA PHE B 230 -16.19 -0.61 -37.34
C PHE B 230 -17.23 0.48 -37.63
N ILE B 231 -17.66 1.19 -36.58
CA ILE B 231 -18.63 2.27 -36.74
C ILE B 231 -17.89 3.60 -36.68
N ASP B 232 -17.51 4.11 -37.86
CA ASP B 232 -16.79 5.37 -37.96
C ASP B 232 -17.43 6.50 -37.16
N GLY B 233 -16.62 7.18 -36.36
CA GLY B 233 -17.12 8.29 -35.56
C GLY B 233 -17.52 7.90 -34.16
N ASN B 234 -17.82 6.62 -33.95
CA ASN B 234 -18.22 6.12 -32.63
C ASN B 234 -17.16 6.45 -31.58
N GLU B 235 -17.57 6.96 -30.42
CA GLU B 235 -16.62 7.31 -29.37
C GLU B 235 -16.04 6.07 -28.68
N ASN B 236 -16.87 5.04 -28.49
CA ASN B 236 -16.41 3.78 -27.87
C ASN B 236 -15.41 3.11 -28.79
N GLY B 237 -15.84 2.87 -30.03
CA GLY B 237 -14.99 2.23 -31.02
C GLY B 237 -13.64 2.91 -31.12
N ASP B 238 -13.63 4.24 -31.11
CA ASP B 238 -12.40 4.99 -31.21
C ASP B 238 -11.48 4.79 -29.99
N LEU B 239 -12.09 4.56 -28.83
CA LEU B 239 -11.31 4.32 -27.61
C LEU B 239 -10.63 2.95 -27.67
N LEU B 240 -11.29 2.01 -28.35
CA LEU B 240 -10.74 0.67 -28.48
C LEU B 240 -9.60 0.68 -29.52
N TRP B 241 -9.73 1.52 -30.55
CA TRP B 241 -8.68 1.62 -31.56
C TRP B 241 -7.41 2.08 -30.86
N ASP B 242 -7.55 3.08 -29.99
N ASP B 242 -7.56 3.07 -29.99
CA ASP B 242 -6.40 3.60 -29.26
CA ASP B 242 -6.46 3.64 -29.23
C ASP B 242 -5.76 2.49 -28.45
C ASP B 242 -5.77 2.53 -28.44
N PHE B 243 -6.58 1.71 -27.76
CA PHE B 243 -6.07 0.61 -26.94
C PHE B 243 -5.35 -0.44 -27.77
N LEU B 244 -6.03 -0.97 -28.77
CA LEU B 244 -5.45 -1.98 -29.65
C LEU B 244 -4.10 -1.54 -30.18
N THR B 245 -4.10 -0.38 -30.83
CA THR B 245 -2.89 0.18 -31.43
C THR B 245 -1.90 0.73 -30.40
N GLU B 246 -2.36 0.90 -29.16
CA GLU B 246 -1.50 1.43 -28.11
C GLU B 246 -1.04 2.86 -28.44
N THR B 247 -1.85 3.56 -29.23
CA THR B 247 -1.52 4.92 -29.63
C THR B 247 -2.65 5.88 -29.31
N CSO B 248 -2.31 7.13 -29.00
CA CSO B 248 -3.30 8.15 -28.70
CB CSO B 248 -2.64 9.34 -28.00
SG CSO B 248 -1.85 8.90 -26.45
C CSO B 248 -3.92 8.64 -30.01
O CSO B 248 -3.21 8.97 -30.96
OD CSO B 248 -1.10 10.21 -25.69
N ASN B 249 -5.25 8.66 -30.05
CA ASN B 249 -5.96 9.13 -31.24
C ASN B 249 -5.43 8.45 -32.51
N PHE B 250 -5.41 7.13 -32.50
CA PHE B 250 -4.92 6.36 -33.64
C PHE B 250 -5.63 6.79 -34.93
N ASN B 251 -6.94 6.95 -34.83
N ASN B 251 -6.95 6.94 -34.86
CA ASN B 251 -7.79 7.35 -35.95
CA ASN B 251 -7.73 7.33 -36.03
C ASN B 251 -7.39 8.70 -36.55
C ASN B 251 -7.38 8.71 -36.57
N ALA B 252 -6.78 9.54 -35.73
CA ALA B 252 -6.38 10.88 -36.15
C ALA B 252 -4.96 11.06 -36.69
N THR B 253 -4.03 10.19 -36.27
CA THR B 253 -2.65 10.32 -36.71
C THR B 253 -2.07 9.19 -37.57
N ALA B 254 -2.58 7.98 -37.39
CA ALA B 254 -2.09 6.84 -38.15
C ALA B 254 -2.20 7.05 -39.66
N PRO B 255 -1.19 6.58 -40.41
CA PRO B 255 -1.22 6.74 -41.87
C PRO B 255 -2.48 6.05 -42.42
N PRO B 256 -3.09 6.63 -43.46
CA PRO B 256 -4.29 6.05 -44.05
C PRO B 256 -4.17 4.56 -44.39
N ASP B 257 -3.08 4.20 -45.08
CA ASP B 257 -2.85 2.81 -45.46
C ASP B 257 -2.84 1.89 -44.25
N LEU B 258 -2.25 2.35 -43.15
CA LEU B 258 -2.18 1.57 -41.92
C LEU B 258 -3.58 1.30 -41.39
N ARG B 259 -4.30 2.36 -41.06
CA ARG B 259 -5.65 2.25 -40.54
C ARG B 259 -6.48 1.27 -41.36
N ALA B 260 -6.65 1.57 -42.65
CA ALA B 260 -7.42 0.72 -43.56
C ALA B 260 -6.96 -0.74 -43.53
N GLU B 261 -5.65 -0.94 -43.53
CA GLU B 261 -5.10 -2.29 -43.49
C GLU B 261 -5.55 -3.01 -42.23
N LEU B 262 -5.56 -2.28 -41.11
CA LEU B 262 -6.00 -2.86 -39.84
C LEU B 262 -7.48 -3.18 -39.88
N GLY B 263 -8.26 -2.24 -40.42
CA GLY B 263 -9.69 -2.43 -40.51
C GLY B 263 -10.06 -3.79 -41.05
N LYS B 264 -9.47 -4.17 -42.18
CA LYS B 264 -9.74 -5.47 -42.78
C LYS B 264 -9.23 -6.62 -41.90
N ASP B 265 -7.96 -6.55 -41.54
CA ASP B 265 -7.34 -7.59 -40.73
C ASP B 265 -8.07 -7.90 -39.42
N LEU B 266 -8.64 -6.88 -38.79
CA LEU B 266 -9.35 -7.10 -37.53
C LEU B 266 -10.54 -8.04 -37.69
N GLN B 267 -11.08 -8.12 -38.91
CA GLN B 267 -12.23 -8.96 -39.17
C GLN B 267 -11.86 -10.39 -39.57
N GLU B 268 -10.56 -10.65 -39.76
CA GLU B 268 -10.08 -11.98 -40.14
C GLU B 268 -10.13 -12.93 -38.93
N PRO B 269 -10.41 -14.22 -39.18
CA PRO B 269 -10.49 -15.23 -38.11
C PRO B 269 -9.30 -15.25 -37.15
N GLU B 270 -8.11 -15.05 -37.69
CA GLU B 270 -6.88 -15.05 -36.87
C GLU B 270 -6.89 -13.92 -35.84
N PHE B 271 -7.71 -12.90 -36.09
CA PHE B 271 -7.82 -11.75 -35.21
C PHE B 271 -9.09 -11.75 -34.37
N SER B 272 -10.22 -12.01 -35.02
CA SER B 272 -11.51 -12.00 -34.34
C SER B 272 -12.48 -13.01 -34.93
N ALA B 273 -13.50 -13.35 -34.15
CA ALA B 273 -14.54 -14.26 -34.58
C ALA B 273 -15.77 -13.37 -34.74
N LYS B 274 -16.63 -13.73 -35.68
CA LYS B 274 -17.86 -12.96 -35.91
C LYS B 274 -19.04 -13.74 -35.34
N LYS B 275 -19.80 -13.10 -34.47
CA LYS B 275 -20.95 -13.74 -33.85
C LYS B 275 -21.96 -12.70 -33.38
N GLU B 276 -23.24 -13.01 -33.53
CA GLU B 276 -24.31 -12.10 -33.12
C GLU B 276 -24.05 -10.71 -33.68
N GLY B 277 -23.79 -10.63 -34.97
CA GLY B 277 -23.53 -9.35 -35.61
C GLY B 277 -22.51 -8.53 -34.83
N LYS B 278 -21.58 -9.22 -34.19
CA LYS B 278 -20.55 -8.56 -33.39
C LYS B 278 -19.16 -9.06 -33.76
N VAL B 279 -18.16 -8.20 -33.55
CA VAL B 279 -16.78 -8.55 -33.85
C VAL B 279 -16.06 -8.77 -32.53
N LEU B 280 -15.74 -10.02 -32.23
CA LEU B 280 -15.07 -10.31 -30.97
C LEU B 280 -13.59 -10.63 -31.13
N PHE B 281 -12.76 -9.64 -30.85
CA PHE B 281 -11.31 -9.77 -30.93
C PHE B 281 -10.85 -10.84 -29.96
N ASN B 282 -9.92 -11.70 -30.39
CA ASN B 282 -9.41 -12.77 -29.56
C ASN B 282 -8.48 -12.23 -28.47
N ASN B 283 -8.89 -12.34 -27.21
CA ASN B 283 -8.07 -11.85 -26.08
C ASN B 283 -7.68 -13.07 -25.24
N THR B 284 -7.53 -14.20 -25.91
CA THR B 284 -7.18 -15.45 -25.24
C THR B 284 -5.96 -15.25 -24.34
N LEU B 285 -6.10 -15.69 -23.09
CA LEU B 285 -5.01 -15.57 -22.13
C LEU B 285 -4.39 -16.93 -21.91
N SER B 286 -3.13 -16.93 -21.46
CA SER B 286 -2.40 -18.15 -21.18
C SER B 286 -1.97 -18.12 -19.74
N PHE B 287 -2.17 -19.25 -19.07
CA PHE B 287 -1.79 -19.40 -17.67
C PHE B 287 -0.68 -20.43 -17.64
N ILE B 288 0.49 -19.99 -17.23
CA ILE B 288 1.65 -20.87 -17.19
C ILE B 288 2.06 -21.12 -15.76
N VAL B 289 2.17 -22.40 -15.40
CA VAL B 289 2.53 -22.78 -14.05
C VAL B 289 3.87 -23.48 -14.08
N ILE B 290 4.83 -22.88 -13.38
CA ILE B 290 6.19 -23.39 -13.30
C ILE B 290 6.45 -24.10 -11.97
N GLU B 291 7.08 -25.27 -12.00
CA GLU B 291 7.39 -26.00 -10.77
C GLU B 291 8.75 -25.61 -10.19
N ALA B 292 8.92 -25.77 -8.89
CA ALA B 292 10.19 -25.45 -8.26
C ALA B 292 11.21 -26.45 -8.81
C1 2PM C . -1.93 18.74 14.65
C2 2PM C . -2.93 19.73 14.50
C3 2PM C . -3.67 19.81 13.30
C4 2PM C . -3.43 18.91 12.25
C5 2PM C . -2.40 17.89 12.40
C6 2PM C . -1.68 17.82 13.61
C7 2PM C . -2.12 16.90 11.29
C8 2PM C . -0.87 17.30 10.52
C9 2PM C . 0.24 16.41 10.45
C10 2PM C . 1.40 16.78 9.75
C11 2PM C . 1.48 18.02 9.09
C12 2PM C . 0.37 18.91 9.14
C13 2PM C . -0.79 18.55 9.85
O1 2PM C . -2.42 15.53 11.39
C14 2PM C . -3.72 15.11 11.68
C15 2PM C . -3.66 13.65 12.12
N1 2PM C . -3.23 13.23 13.44
C16 2PM C . -3.79 13.89 14.60
C17 2PM C . -1.81 13.24 13.59
N SAH D . 2.90 10.85 21.73
CA SAH D . 1.78 11.71 22.12
CB SAH D . 1.26 12.60 20.97
CG SAH D . 2.27 13.42 20.25
SD SAH D . 1.71 15.05 19.78
C SAH D . 0.51 10.93 22.38
O SAH D . 0.30 10.01 21.56
OXT SAH D . -0.42 11.54 22.92
C5' SAH D . 3.35 15.39 19.14
C4' SAH D . 4.38 15.49 20.21
O4' SAH D . 5.62 15.65 19.50
C3' SAH D . 4.14 16.75 21.18
O3' SAH D . 4.21 16.45 22.62
C2' SAH D . 5.30 17.62 20.68
O2' SAH D . 5.75 18.68 21.54
C1' SAH D . 6.34 16.60 20.24
N9 SAH D . 7.35 17.03 19.27
C8 SAH D . 7.25 18.05 18.30
N7 SAH D . 8.34 18.14 17.60
C5 SAH D . 9.19 17.13 18.10
C6 SAH D . 10.51 16.66 17.78
N6 SAH D . 11.25 17.18 16.79
N1 SAH D . 11.06 15.65 18.53
C2 SAH D . 10.37 15.12 19.55
N3 SAH D . 9.14 15.44 19.91
C4 SAH D . 8.60 16.45 19.15
C1 2PM E . -1.63 -1.35 -21.97
C2 2PM E . -2.31 -0.42 -22.78
C3 2PM E . -2.56 -0.70 -24.13
C4 2PM E . -2.13 -1.92 -24.69
C5 2PM E . -1.43 -2.88 -23.87
C6 2PM E . -1.19 -2.59 -22.51
C7 2PM E . -0.96 -4.19 -24.45
C8 2PM E . 0.52 -4.17 -24.75
C9 2PM E . 1.39 -5.12 -24.16
C10 2PM E . 2.76 -5.11 -24.45
C11 2PM E . 3.30 -4.15 -25.31
C12 2PM E . 2.45 -3.18 -25.91
C13 2PM E . 1.07 -3.20 -25.64
O1 2PM E . -1.50 -5.45 -24.11
C14 2PM E . -2.83 -5.71 -24.47
C15 2PM E . -3.33 -6.84 -23.60
N1 2PM E . -3.48 -6.72 -22.16
C16 2PM E . -4.10 -5.54 -21.62
C17 2PM E . -2.24 -6.93 -21.46
N SAH F . -1.70 -7.95 -11.77
CA SAH F . -2.89 -7.04 -11.80
CB SAH F . -2.82 -5.84 -12.74
CG SAH F . -1.49 -5.56 -13.34
SD SAH F . -1.51 -4.46 -14.78
C SAH F . -4.19 -7.61 -12.35
O SAH F . -4.00 -8.44 -13.28
OXT SAH F . -5.24 -6.91 -12.26
C5' SAH F . 0.31 -4.41 -14.72
C4' SAH F . 0.90 -4.07 -13.37
O4' SAH F . 2.35 -4.17 -13.45
C3' SAH F . 0.51 -2.60 -12.86
O3' SAH F . -0.09 -2.54 -11.53
C2' SAH F . 1.88 -1.94 -12.95
O2' SAH F . 2.08 -0.80 -12.10
C1' SAH F . 2.82 -3.12 -12.68
N9 SAH F . 4.17 -2.97 -13.17
C8 SAH F . 4.59 -2.18 -14.27
N7 SAH F . 5.86 -2.33 -14.47
C5 SAH F . 6.31 -3.22 -13.48
C6 SAH F . 7.58 -3.81 -13.15
N6 SAH F . 8.67 -3.57 -13.89
N1 SAH F . 7.69 -4.66 -12.08
C2 SAH F . 6.61 -4.94 -11.36
N3 SAH F . 5.38 -4.49 -11.58
C4 SAH F . 5.28 -3.62 -12.66
#